data_4WYT
#
_entry.id   4WYT
#
_cell.length_a   69.140
_cell.length_b   70.850
_cell.length_c   92.750
_cell.angle_alpha   90.000
_cell.angle_beta   90.000
_cell.angle_gamma   90.000
#
_symmetry.space_group_name_H-M   'C 2 2 21'
#
loop_
_entity.id
_entity.type
_entity.pdbx_description
1 polymer 'Protein scribble homolog'
2 non-polymer 'CHLORIDE ION'
3 water water
#
_entity_poly.entity_id   1
_entity_poly.type   'polypeptide(L)'
_entity_poly.pdbx_seq_one_letter_code
;LAAALEGPYPVEEIRLPRAGGPLGLSIVGGSDHSSHPFGVQEPGVFISKVLPRGLAARSGLRVGDRILAVNGQDVRDATH
QEAVSALLRPCLELSLLVRRDPAPPGLRELCIQKAPGERLGISIRGGARGHAGNPRDPTDEGIFISKVSPTGAAGRDGRL
RVGLRLLEVNQQSLLGLTHGEAVQLLRSVGDTLTVLVCDGFEASTDAALEVS
;
_entity_poly.pdbx_strand_id   A
#
# COMPACT_ATOMS: atom_id res chain seq x y z
N ALA A 2 16.37 21.53 7.81
CA ALA A 2 17.57 20.79 8.16
C ALA A 2 17.29 19.30 8.13
N ALA A 3 16.02 18.95 8.08
CA ALA A 3 15.54 17.58 7.89
C ALA A 3 15.96 16.63 9.01
N ALA A 4 15.92 17.12 10.25
CA ALA A 4 16.22 16.30 11.43
C ALA A 4 15.98 17.11 12.72
N LEU A 5 15.24 16.56 13.69
CA LEU A 5 14.55 15.25 13.61
C LEU A 5 13.41 15.25 14.61
N GLU A 6 12.42 16.13 14.41
CA GLU A 6 11.43 16.43 15.43
C GLU A 6 10.31 15.39 15.56
N GLY A 7 10.31 14.39 14.69
CA GLY A 7 9.25 13.38 14.69
C GLY A 7 9.30 12.45 15.90
N PRO A 8 8.14 11.91 16.30
CA PRO A 8 8.06 10.94 17.40
C PRO A 8 8.52 9.56 16.96
N TYR A 9 8.61 9.35 15.65
CA TYR A 9 9.09 8.09 15.10
C TYR A 9 10.56 8.22 14.72
N PRO A 10 11.35 7.17 14.97
CA PRO A 10 12.80 7.21 14.73
C PRO A 10 13.16 7.38 13.26
N VAL A 11 14.15 8.23 13.00
CA VAL A 11 14.65 8.44 11.65
C VAL A 11 15.98 7.72 11.47
N GLU A 12 16.07 6.89 10.44
CA GLU A 12 17.27 6.07 10.23
C GLU A 12 17.79 6.16 8.79
N GLU A 13 19.11 6.20 8.65
CA GLU A 13 19.75 6.21 7.34
C GLU A 13 20.14 4.80 6.93
N ILE A 14 19.37 4.20 6.03
CA ILE A 14 19.60 2.83 5.61
C ILE A 14 20.24 2.75 4.22
N ARG A 15 21.41 2.13 4.15
CA ARG A 15 22.10 1.94 2.88
C ARG A 15 21.77 0.59 2.25
N LEU A 16 21.57 0.59 0.93
CA LEU A 16 21.34 -0.63 0.19
C LEU A 16 22.43 -0.84 -0.86
N PRO A 17 23.16 -1.97 -0.76
CA PRO A 17 24.23 -2.29 -1.70
C PRO A 17 23.72 -2.45 -3.13
N ARG A 18 24.39 -1.82 -4.09
CA ARG A 18 24.02 -1.94 -5.49
C ARG A 18 25.01 -2.82 -6.23
N ALA A 19 24.70 -4.11 -6.32
CA ALA A 19 25.60 -5.07 -6.94
C ALA A 19 24.97 -5.72 -8.17
N GLY A 20 23.97 -5.06 -8.74
CA GLY A 20 23.34 -5.54 -9.95
C GLY A 20 21.93 -6.07 -9.74
N GLY A 21 21.64 -6.51 -8.51
CA GLY A 21 20.35 -7.08 -8.19
C GLY A 21 19.27 -6.02 -8.02
N PRO A 22 17.99 -6.45 -8.04
CA PRO A 22 16.86 -5.54 -7.87
C PRO A 22 16.69 -5.08 -6.42
N LEU A 23 15.93 -4.01 -6.23
CA LEU A 23 15.72 -3.44 -4.90
C LEU A 23 14.78 -4.30 -4.07
N GLY A 24 13.77 -4.87 -4.71
CA GLY A 24 12.80 -5.71 -4.04
C GLY A 24 11.87 -4.91 -3.14
N LEU A 25 11.50 -3.72 -3.60
CA LEU A 25 10.57 -2.88 -2.84
C LEU A 25 9.61 -2.15 -3.77
N SER A 26 8.46 -1.77 -3.23
CA SER A 26 7.48 -0.98 -3.96
C SER A 26 7.13 0.27 -3.18
N ILE A 27 7.00 1.39 -3.88
CA ILE A 27 6.66 2.65 -3.22
C ILE A 27 5.33 3.22 -3.73
N VAL A 28 4.64 3.91 -2.85
CA VAL A 28 3.42 4.62 -3.21
C VAL A 28 3.45 6.04 -2.64
N GLY A 29 2.65 6.92 -3.22
CA GLY A 29 2.57 8.29 -2.75
C GLY A 29 3.34 9.26 -3.62
N GLY A 30 3.67 10.42 -3.06
CA GLY A 30 4.35 11.46 -3.79
C GLY A 30 3.62 12.79 -3.67
N SER A 31 3.91 13.70 -4.58
CA SER A 31 3.27 15.02 -4.57
C SER A 31 2.01 15.02 -5.43
N ASP A 32 1.83 13.97 -6.22
CA ASP A 32 0.69 13.87 -7.12
C ASP A 32 -0.15 12.62 -6.86
N HIS A 33 0.25 11.85 -5.86
CA HIS A 33 -0.45 10.61 -5.52
C HIS A 33 -0.93 10.62 -4.08
N SER A 34 -2.19 10.22 -3.88
CA SER A 34 -2.72 10.01 -2.54
C SER A 34 -2.17 8.71 -1.97
N SER A 35 -1.73 8.74 -0.72
CA SER A 35 -1.01 7.60 -0.16
C SER A 35 -1.69 6.97 1.05
N HIS A 36 -3.01 7.10 1.14
CA HIS A 36 -3.75 6.44 2.21
C HIS A 36 -3.60 4.93 2.11
N PRO A 37 -3.43 4.25 3.25
CA PRO A 37 -3.45 4.81 4.61
C PRO A 37 -2.05 5.09 5.17
N PHE A 38 -1.08 5.35 4.31
CA PHE A 38 0.28 5.60 4.77
C PHE A 38 0.47 7.06 5.17
N GLY A 39 -0.08 7.97 4.37
CA GLY A 39 0.05 9.39 4.62
C GLY A 39 -1.28 10.09 4.81
N VAL A 40 -1.74 10.13 6.05
CA VAL A 40 -3.01 10.78 6.37
C VAL A 40 -2.79 12.20 6.88
N GLN A 41 -2.05 12.32 7.98
CA GLN A 41 -1.73 13.62 8.55
C GLN A 41 -0.77 14.37 7.64
N GLU A 42 0.29 13.70 7.22
CA GLU A 42 1.30 14.31 6.37
C GLU A 42 1.69 13.39 5.22
N PRO A 43 1.37 13.80 3.98
CA PRO A 43 1.66 13.03 2.77
C PRO A 43 3.16 12.92 2.48
N GLY A 44 3.54 11.93 1.69
CA GLY A 44 4.93 11.75 1.32
C GLY A 44 5.17 10.48 0.53
N VAL A 45 6.42 10.05 0.47
CA VAL A 45 6.77 8.82 -0.24
C VAL A 45 6.92 7.67 0.76
N PHE A 46 6.12 6.62 0.58
CA PHE A 46 6.12 5.49 1.50
C PHE A 46 6.44 4.18 0.80
N ILE A 47 7.04 3.25 1.53
CA ILE A 47 7.29 1.92 1.00
C ILE A 47 6.08 1.03 1.27
N SER A 48 5.41 0.62 0.20
CA SER A 48 4.15 -0.11 0.32
C SER A 48 4.35 -1.61 0.41
N LYS A 49 5.37 -2.12 -0.26
CA LYS A 49 5.60 -3.56 -0.31
C LYS A 49 7.09 -3.89 -0.26
N VAL A 50 7.46 -4.81 0.62
CA VAL A 50 8.84 -5.28 0.72
C VAL A 50 8.89 -6.78 0.44
N LEU A 51 9.54 -7.15 -0.66
CA LEU A 51 9.65 -8.56 -1.04
C LEU A 51 10.49 -9.34 -0.05
N PRO A 52 9.95 -10.48 0.42
CA PRO A 52 10.65 -11.37 1.36
C PRO A 52 12.00 -11.84 0.82
N ARG A 53 13.00 -11.90 1.69
CA ARG A 53 14.35 -12.31 1.32
C ARG A 53 14.95 -11.44 0.22
N GLY A 54 14.41 -10.24 0.07
CA GLY A 54 14.86 -9.32 -0.95
C GLY A 54 15.95 -8.39 -0.44
N LEU A 55 16.45 -7.53 -1.32
CA LEU A 55 17.51 -6.59 -0.97
C LEU A 55 17.05 -5.63 0.12
N ALA A 56 15.85 -5.09 -0.04
CA ALA A 56 15.29 -4.16 0.93
C ALA A 56 15.01 -4.85 2.26
N ALA A 57 14.52 -6.08 2.19
CA ALA A 57 14.21 -6.85 3.38
C ALA A 57 15.47 -7.17 4.18
N ARG A 58 16.55 -7.48 3.47
CA ARG A 58 17.82 -7.75 4.12
C ARG A 58 18.41 -6.50 4.76
N SER A 59 18.19 -5.36 4.11
CA SER A 59 18.73 -4.10 4.61
C SER A 59 18.00 -3.60 5.84
N GLY A 60 16.73 -4.00 5.96
CA GLY A 60 15.94 -3.65 7.14
C GLY A 60 14.76 -2.73 6.85
N LEU A 61 14.45 -2.56 5.57
CA LEU A 61 13.31 -1.72 5.18
C LEU A 61 12.00 -2.44 5.46
N ARG A 62 11.03 -1.69 5.98
CA ARG A 62 9.72 -2.25 6.32
C ARG A 62 8.60 -1.59 5.54
N VAL A 63 7.42 -2.20 5.58
CA VAL A 63 6.23 -1.61 4.98
C VAL A 63 5.70 -0.47 5.86
N GLY A 64 5.59 0.72 5.27
CA GLY A 64 5.09 1.87 6.01
C GLY A 64 6.18 2.89 6.28
N ASP A 65 7.40 2.58 5.86
CA ASP A 65 8.52 3.50 6.02
C ASP A 65 8.35 4.73 5.15
N ARG A 66 8.55 5.90 5.73
CA ARG A 66 8.49 7.15 4.99
C ARG A 66 9.88 7.54 4.48
N ILE A 67 10.01 7.68 3.17
CA ILE A 67 11.29 8.04 2.57
C ILE A 67 11.47 9.56 2.55
N LEU A 68 12.41 10.05 3.36
CA LEU A 68 12.66 11.48 3.45
C LEU A 68 13.69 11.96 2.44
N ALA A 69 14.73 11.16 2.24
CA ALA A 69 15.80 11.53 1.32
C ALA A 69 16.38 10.32 0.60
N VAL A 70 16.79 10.53 -0.65
CA VAL A 70 17.46 9.49 -1.43
C VAL A 70 18.80 10.02 -1.91
N ASN A 71 19.88 9.48 -1.34
CA ASN A 71 21.24 9.92 -1.64
C ASN A 71 21.43 11.42 -1.44
N GLY A 72 20.80 11.95 -0.39
CA GLY A 72 20.94 13.35 -0.05
C GLY A 72 19.84 14.23 -0.62
N GLN A 73 19.19 13.76 -1.67
CA GLN A 73 18.14 14.53 -2.33
C GLN A 73 16.82 14.45 -1.59
N ASP A 74 16.26 15.62 -1.28
CA ASP A 74 14.97 15.70 -0.61
C ASP A 74 13.86 15.15 -1.51
N VAL A 75 13.07 14.22 -0.98
CA VAL A 75 12.00 13.60 -1.75
C VAL A 75 10.67 13.65 -1.01
N ARG A 76 10.56 14.57 -0.04
CA ARG A 76 9.34 14.72 0.73
C ARG A 76 8.19 15.21 -0.15
N ASP A 77 8.50 16.12 -1.07
CA ASP A 77 7.49 16.65 -1.98
C ASP A 77 7.88 16.38 -3.43
N ALA A 78 8.49 15.23 -3.67
CA ALA A 78 8.88 14.85 -5.02
C ALA A 78 7.75 14.08 -5.70
N THR A 79 7.73 14.14 -7.02
CA THR A 79 6.74 13.39 -7.80
C THR A 79 7.04 11.90 -7.68
N HIS A 80 6.03 11.07 -7.92
CA HIS A 80 6.18 9.62 -7.81
C HIS A 80 7.26 9.12 -8.77
N GLN A 81 7.30 9.68 -9.97
CA GLN A 81 8.29 9.27 -10.97
C GLN A 81 9.67 9.80 -10.60
N GLU A 82 9.70 10.93 -9.88
CA GLU A 82 10.95 11.49 -9.40
C GLU A 82 11.56 10.60 -8.33
N ALA A 83 10.71 9.99 -7.51
CA ALA A 83 11.16 9.09 -6.46
C ALA A 83 11.69 7.80 -7.06
N VAL A 84 11.00 7.31 -8.10
CA VAL A 84 11.39 6.09 -8.78
C VAL A 84 12.75 6.27 -9.47
N SER A 85 12.90 7.39 -10.17
CA SER A 85 14.13 7.69 -10.89
C SER A 85 15.31 7.84 -9.93
N ALA A 86 15.04 8.39 -8.75
CA ALA A 86 16.08 8.59 -7.75
C ALA A 86 16.53 7.26 -7.15
N LEU A 87 15.61 6.32 -7.04
CA LEU A 87 15.91 4.99 -6.49
C LEU A 87 16.64 4.13 -7.51
N LEU A 88 16.27 4.27 -8.77
CA LEU A 88 16.85 3.46 -9.85
C LEU A 88 18.09 4.11 -10.45
N ARG A 89 18.53 5.22 -9.85
CA ARG A 89 19.68 5.95 -10.36
C ARG A 89 20.98 5.26 -9.95
N PRO A 90 21.90 5.09 -10.92
CA PRO A 90 23.20 4.46 -10.68
C PRO A 90 24.01 5.14 -9.59
N CYS A 91 24.33 4.41 -8.53
CA CYS A 91 25.14 4.95 -7.43
C CYS A 91 25.93 3.83 -6.77
N LEU A 92 27.05 4.20 -6.15
CA LEU A 92 27.90 3.23 -5.46
C LEU A 92 27.14 2.54 -4.33
N GLU A 93 26.35 3.32 -3.61
CA GLU A 93 25.59 2.81 -2.48
C GLU A 93 24.30 3.62 -2.32
N LEU A 94 23.16 2.93 -2.38
CA LEU A 94 21.87 3.60 -2.28
C LEU A 94 21.56 3.97 -0.84
N SER A 95 21.71 5.25 -0.52
CA SER A 95 21.42 5.73 0.83
C SER A 95 19.99 6.24 0.93
N LEU A 96 19.26 5.71 1.92
CA LEU A 96 17.88 6.11 2.12
C LEU A 96 17.64 6.63 3.54
N LEU A 97 17.24 7.90 3.62
CA LEU A 97 16.84 8.47 4.90
C LEU A 97 15.35 8.18 5.11
N VAL A 98 15.05 7.22 5.97
CA VAL A 98 13.67 6.81 6.20
C VAL A 98 13.22 7.05 7.63
N ARG A 99 11.94 7.34 7.81
CA ARG A 99 11.36 7.47 9.13
C ARG A 99 10.44 6.28 9.41
N ARG A 100 10.58 5.69 10.60
CA ARG A 100 9.84 4.49 10.93
C ARG A 100 8.36 4.78 11.25
N ASP A 101 7.62 5.23 10.26
CA ASP A 101 6.18 5.41 10.43
C ASP A 101 5.50 4.06 10.57
N PRO A 102 4.48 3.98 11.43
CA PRO A 102 3.81 2.69 11.69
C PRO A 102 3.03 2.18 10.49
N ALA A 103 2.98 0.86 10.34
CA ALA A 103 2.21 0.23 9.28
C ALA A 103 0.72 0.51 9.50
N PRO A 104 -0.07 0.50 8.41
CA PRO A 104 -1.52 0.70 8.47
C PRO A 104 -2.18 -0.14 9.56
N PRO A 105 -3.10 0.47 10.34
CA PRO A 105 -3.77 -0.18 11.45
C PRO A 105 -4.53 -1.45 11.03
N GLY A 106 -4.25 -2.55 11.71
CA GLY A 106 -4.93 -3.81 11.42
C GLY A 106 -4.52 -4.40 10.09
N LEU A 107 -3.27 -4.17 9.69
CA LEU A 107 -2.74 -4.72 8.46
C LEU A 107 -2.64 -6.24 8.55
N ARG A 108 -3.35 -6.93 7.66
CA ARG A 108 -3.36 -8.39 7.67
C ARG A 108 -3.71 -8.95 6.30
N GLU A 109 -3.12 -10.10 5.98
CA GLU A 109 -3.36 -10.75 4.69
C GLU A 109 -4.35 -11.89 4.86
N LEU A 110 -5.49 -11.78 4.20
CA LEU A 110 -6.54 -12.79 4.33
C LEU A 110 -6.65 -13.66 3.08
N CYS A 111 -6.79 -14.97 3.28
CA CYS A 111 -7.03 -15.89 2.18
C CYS A 111 -8.45 -16.42 2.23
N ILE A 112 -9.17 -16.27 1.12
CA ILE A 112 -10.56 -16.69 1.05
C ILE A 112 -10.77 -17.69 -0.07
N GLN A 113 -11.36 -18.83 0.27
CA GLN A 113 -11.61 -19.89 -0.70
C GLN A 113 -12.98 -19.74 -1.34
N LYS A 114 -13.00 -19.69 -2.67
CA LYS A 114 -14.25 -19.63 -3.40
C LYS A 114 -14.61 -21.00 -3.97
N ALA A 115 -15.75 -21.54 -3.52
CA ALA A 115 -16.23 -22.82 -4.00
C ALA A 115 -16.58 -22.74 -5.48
N PRO A 116 -16.54 -23.87 -6.19
CA PRO A 116 -16.93 -23.91 -7.61
C PRO A 116 -18.34 -23.38 -7.85
N GLY A 117 -18.46 -22.33 -8.66
CA GLY A 117 -19.74 -21.72 -8.97
C GLY A 117 -20.23 -20.79 -7.88
N GLU A 118 -19.31 -20.32 -7.04
CA GLU A 118 -19.66 -19.41 -5.96
C GLU A 118 -19.03 -18.03 -6.16
N ARG A 119 -19.84 -16.99 -6.00
CA ARG A 119 -19.37 -15.62 -6.10
C ARG A 119 -18.73 -15.17 -4.81
N LEU A 120 -18.00 -14.07 -4.86
CA LEU A 120 -17.37 -13.51 -3.66
C LEU A 120 -18.41 -12.94 -2.71
N GLY A 121 -19.41 -12.26 -3.28
CA GLY A 121 -20.54 -11.78 -2.51
C GLY A 121 -20.29 -10.52 -1.71
N ILE A 122 -19.52 -9.59 -2.28
CA ILE A 122 -19.29 -8.30 -1.65
C ILE A 122 -19.41 -7.16 -2.64
N SER A 123 -19.64 -5.96 -2.11
CA SER A 123 -19.62 -4.75 -2.92
C SER A 123 -18.56 -3.80 -2.38
N ILE A 124 -17.88 -3.11 -3.29
CA ILE A 124 -16.81 -2.21 -2.87
C ILE A 124 -17.10 -0.76 -3.26
N ARG A 125 -16.53 0.17 -2.49
CA ARG A 125 -16.67 1.58 -2.79
C ARG A 125 -15.30 2.24 -2.92
N GLY A 126 -15.26 3.41 -3.55
CA GLY A 126 -14.02 4.05 -3.91
C GLY A 126 -13.85 3.95 -5.42
N GLY A 127 -12.68 4.29 -5.94
CA GLY A 127 -11.58 4.81 -5.14
C GLY A 127 -10.96 6.01 -5.81
N ALA A 128 -10.09 5.77 -6.78
CA ALA A 128 -9.44 6.85 -7.52
C ALA A 128 -10.35 7.40 -8.61
N ARG A 129 -10.29 8.71 -8.83
CA ARG A 129 -11.09 9.39 -9.84
C ARG A 129 -12.59 9.23 -9.60
N GLY A 130 -12.95 8.77 -8.41
CA GLY A 130 -14.33 8.55 -8.03
C GLY A 130 -14.40 8.36 -6.54
N HIS A 131 -13.78 9.29 -5.82
CA HIS A 131 -13.66 9.21 -4.36
C HIS A 131 -15.03 9.22 -3.68
N ALA A 132 -15.38 8.10 -3.07
CA ALA A 132 -16.65 7.99 -2.36
C ALA A 132 -16.56 6.95 -1.24
N GLY A 133 -15.50 6.13 -1.29
CA GLY A 133 -15.31 5.05 -0.34
C GLY A 133 -15.35 5.48 1.11
N ASN A 134 -14.73 6.63 1.40
CA ASN A 134 -14.76 7.18 2.75
C ASN A 134 -15.49 8.51 2.76
N PRO A 135 -16.79 8.48 3.11
CA PRO A 135 -17.61 9.69 3.13
C PRO A 135 -17.21 10.66 4.23
N ARG A 136 -16.56 10.15 5.27
CA ARG A 136 -16.07 10.99 6.36
C ARG A 136 -14.79 11.71 5.96
N ASP A 137 -13.96 11.02 5.18
CA ASP A 137 -12.73 11.60 4.68
C ASP A 137 -12.74 11.61 3.15
N PRO A 138 -13.31 12.66 2.56
CA PRO A 138 -13.54 12.78 1.11
C PRO A 138 -12.27 12.71 0.27
N THR A 139 -11.14 13.14 0.83
CA THR A 139 -9.89 13.17 0.08
C THR A 139 -9.26 11.79 -0.07
N ASP A 140 -9.86 10.80 0.59
CA ASP A 140 -9.36 9.43 0.55
C ASP A 140 -9.87 8.70 -0.69
N GLU A 141 -8.94 8.21 -1.50
CA GLU A 141 -9.30 7.43 -2.69
C GLU A 141 -9.12 5.94 -2.45
N GLY A 142 -9.21 5.54 -1.18
CA GLY A 142 -9.07 4.15 -0.81
C GLY A 142 -10.28 3.33 -1.25
N ILE A 143 -10.07 2.03 -1.38
CA ILE A 143 -11.15 1.12 -1.76
C ILE A 143 -11.62 0.34 -0.54
N PHE A 144 -12.91 0.46 -0.22
CA PHE A 144 -13.47 -0.15 0.98
C PHE A 144 -14.56 -1.15 0.65
N ILE A 145 -14.80 -2.08 1.56
CA ILE A 145 -15.91 -3.02 1.43
C ILE A 145 -17.19 -2.37 1.91
N SER A 146 -18.17 -2.25 1.02
CA SER A 146 -19.42 -1.56 1.35
C SER A 146 -20.51 -2.52 1.83
N LYS A 147 -20.65 -3.65 1.14
CA LYS A 147 -21.63 -4.65 1.52
C LYS A 147 -21.04 -6.06 1.56
N VAL A 148 -21.54 -6.88 2.47
CA VAL A 148 -21.12 -8.27 2.55
C VAL A 148 -22.33 -9.20 2.55
N SER A 149 -22.44 -10.03 1.51
CA SER A 149 -23.55 -10.96 1.40
C SER A 149 -23.26 -12.27 2.10
N PRO A 150 -24.25 -12.79 2.84
CA PRO A 150 -24.12 -14.09 3.52
C PRO A 150 -24.02 -15.25 2.54
N THR A 151 -24.50 -15.03 1.31
CA THR A 151 -24.56 -16.09 0.31
C THR A 151 -23.20 -16.37 -0.32
N GLY A 152 -22.35 -15.34 -0.37
CA GLY A 152 -21.07 -15.44 -1.04
C GLY A 152 -19.98 -16.15 -0.26
N ALA A 153 -18.78 -16.15 -0.81
CA ALA A 153 -17.63 -16.81 -0.20
C ALA A 153 -17.09 -16.01 0.99
N ALA A 154 -17.26 -14.69 0.94
CA ALA A 154 -16.79 -13.83 2.02
C ALA A 154 -17.67 -13.99 3.25
N GLY A 155 -18.97 -14.23 3.03
CA GLY A 155 -19.90 -14.46 4.12
C GLY A 155 -19.65 -15.79 4.79
N ARG A 156 -19.34 -16.81 3.99
CA ARG A 156 -19.03 -18.13 4.50
C ARG A 156 -17.70 -18.10 5.26
N ASP A 157 -16.82 -17.21 4.83
CA ASP A 157 -15.54 -17.01 5.51
C ASP A 157 -15.75 -16.28 6.82
N GLY A 158 -16.34 -15.09 6.74
CA GLY A 158 -16.70 -14.33 7.92
C GLY A 158 -15.67 -13.29 8.37
N ARG A 159 -14.45 -13.39 7.85
CA ARG A 159 -13.39 -12.48 8.25
C ARG A 159 -13.55 -11.10 7.64
N LEU A 160 -14.09 -11.03 6.43
CA LEU A 160 -14.36 -9.74 5.80
C LEU A 160 -15.57 -9.06 6.42
N ARG A 161 -15.45 -7.76 6.68
CA ARG A 161 -16.55 -6.99 7.22
C ARG A 161 -16.68 -5.66 6.48
N VAL A 162 -17.82 -4.98 6.68
CA VAL A 162 -18.04 -3.70 6.05
C VAL A 162 -17.15 -2.62 6.68
N GLY A 163 -16.36 -1.96 5.85
CA GLY A 163 -15.51 -0.88 6.32
C GLY A 163 -14.04 -1.12 6.11
N LEU A 164 -13.66 -2.38 5.91
CA LEU A 164 -12.26 -2.73 5.69
C LEU A 164 -11.72 -2.12 4.40
N ARG A 165 -10.46 -1.67 4.46
CA ARG A 165 -9.81 -1.08 3.30
C ARG A 165 -9.02 -2.15 2.53
N LEU A 166 -9.22 -2.21 1.22
CA LEU A 166 -8.52 -3.17 0.39
C LEU A 166 -7.24 -2.57 -0.18
N LEU A 167 -6.12 -3.28 0.00
CA LEU A 167 -4.82 -2.79 -0.43
C LEU A 167 -4.27 -3.59 -1.61
N GLU A 168 -4.23 -4.91 -1.47
CA GLU A 168 -3.75 -5.77 -2.54
C GLU A 168 -4.71 -6.91 -2.81
N VAL A 169 -4.88 -7.24 -4.09
CA VAL A 169 -5.69 -8.39 -4.48
C VAL A 169 -4.85 -9.34 -5.32
N ASN A 170 -4.50 -10.47 -4.74
CA ASN A 170 -3.62 -11.46 -5.35
C ASN A 170 -2.30 -10.85 -5.82
N GLN A 171 -1.55 -10.29 -4.87
CA GLN A 171 -0.25 -9.69 -5.12
C GLN A 171 -0.29 -8.57 -6.14
N GLN A 172 -1.41 -7.86 -6.20
CA GLN A 172 -1.54 -6.69 -7.04
C GLN A 172 -2.14 -5.53 -6.25
N SER A 173 -1.38 -4.44 -6.15
CA SER A 173 -1.80 -3.28 -5.37
C SER A 173 -3.01 -2.58 -6.00
N LEU A 174 -3.97 -2.21 -5.15
CA LEU A 174 -5.16 -1.49 -5.61
C LEU A 174 -4.98 0.01 -5.47
N LEU A 175 -3.82 0.42 -4.95
CA LEU A 175 -3.55 1.83 -4.72
C LEU A 175 -3.40 2.59 -6.03
N GLY A 176 -4.31 3.54 -6.26
CA GLY A 176 -4.27 4.37 -7.45
C GLY A 176 -5.22 3.89 -8.54
N LEU A 177 -5.89 2.77 -8.28
CA LEU A 177 -6.81 2.19 -9.25
C LEU A 177 -8.23 2.71 -9.08
N THR A 178 -8.99 2.71 -10.17
CA THR A 178 -10.38 3.15 -10.13
C THR A 178 -11.29 2.04 -9.62
N HIS A 179 -12.57 2.33 -9.49
CA HIS A 179 -13.55 1.36 -8.99
C HIS A 179 -13.68 0.18 -9.95
N GLY A 180 -13.76 0.47 -11.24
CA GLY A 180 -13.92 -0.55 -12.25
C GLY A 180 -12.70 -1.46 -12.35
N GLU A 181 -11.52 -0.87 -12.20
CA GLU A 181 -10.28 -1.62 -12.28
C GLU A 181 -10.13 -2.57 -11.11
N ALA A 182 -10.62 -2.16 -9.94
CA ALA A 182 -10.56 -2.98 -8.75
C ALA A 182 -11.56 -4.13 -8.83
N VAL A 183 -12.76 -3.82 -9.31
CA VAL A 183 -13.80 -4.83 -9.52
C VAL A 183 -13.31 -5.89 -10.49
N GLN A 184 -12.68 -5.44 -11.58
CA GLN A 184 -12.17 -6.34 -12.59
C GLN A 184 -11.11 -7.29 -12.02
N LEU A 185 -10.28 -6.77 -11.13
CA LEU A 185 -9.25 -7.58 -10.49
C LEU A 185 -9.85 -8.57 -9.48
N LEU A 186 -10.95 -8.15 -8.85
CA LEU A 186 -11.61 -8.99 -7.87
C LEU A 186 -12.46 -10.06 -8.53
N ARG A 187 -12.79 -9.85 -9.81
CA ARG A 187 -13.56 -10.83 -10.57
C ARG A 187 -12.65 -11.81 -11.28
N SER A 188 -11.43 -11.40 -11.56
CA SER A 188 -10.49 -12.20 -12.34
C SER A 188 -9.70 -13.18 -11.49
N VAL A 189 -9.96 -13.18 -10.18
CA VAL A 189 -9.29 -14.12 -9.29
C VAL A 189 -9.90 -15.51 -9.43
N GLY A 190 -9.10 -16.54 -9.14
CA GLY A 190 -9.57 -17.90 -9.25
C GLY A 190 -10.41 -18.34 -8.07
N ASP A 191 -10.20 -19.57 -7.63
CA ASP A 191 -10.94 -20.11 -6.49
C ASP A 191 -10.33 -19.67 -5.17
N THR A 192 -9.24 -18.93 -5.24
CA THR A 192 -8.56 -18.45 -4.05
C THR A 192 -8.31 -16.94 -4.11
N LEU A 193 -8.83 -16.23 -3.12
CA LEU A 193 -8.63 -14.79 -3.04
C LEU A 193 -7.66 -14.42 -1.92
N THR A 194 -6.49 -13.92 -2.29
CA THR A 194 -5.52 -13.43 -1.33
C THR A 194 -5.57 -11.90 -1.31
N VAL A 195 -6.09 -11.34 -0.23
CA VAL A 195 -6.30 -9.90 -0.16
C VAL A 195 -5.57 -9.27 1.03
N LEU A 196 -4.92 -8.14 0.78
CA LEU A 196 -4.26 -7.39 1.84
C LEU A 196 -5.23 -6.37 2.44
N VAL A 197 -5.55 -6.55 3.72
CA VAL A 197 -6.62 -5.79 4.35
C VAL A 197 -6.15 -5.02 5.60
N CYS A 198 -6.59 -3.78 5.73
CA CYS A 198 -6.41 -3.01 6.96
C CYS A 198 -7.71 -2.34 7.37
N ASP A 199 -7.72 -1.73 8.55
CA ASP A 199 -8.93 -1.09 9.08
C ASP A 199 -9.30 0.17 8.30
N GLY A 200 -10.60 0.45 8.22
CA GLY A 200 -11.09 1.62 7.51
C GLY A 200 -11.98 2.50 8.35
N PHE A 201 -13.28 2.44 8.12
CA PHE A 201 -14.24 3.25 8.88
C PHE A 201 -15.18 2.40 9.71
N GLU A 202 -14.63 1.47 10.49
CA GLU A 202 -15.42 0.61 11.36
C GLU A 202 -16.23 1.42 12.38
#